data_7HJ8
#
_entry.id   7HJ8
#
_cell.length_a   26.235
_cell.length_b   46.904
_cell.length_c   46.518
_cell.angle_alpha   90.000
_cell.angle_beta   103.430
_cell.angle_gamma   90.000
#
_symmetry.space_group_name_H-M   'P 1 21 1'
#
loop_
_entity.id
_entity.type
_entity.pdbx_description
1 polymer 'De novo designed ABLE protein'
2 non-polymer 4-methoxybenzenesulfonamide
3 water water
#
_entity_poly.entity_id   1
_entity_poly.type   'polypeptide(L)'
_entity_poly.pdbx_seq_one_letter_code
;SVKSEYAEAAAVGQEAVAVFNTMKAAFQNGDKEAVAQYLARLASLYTRHEELLNRILEKARREGNKEAVTLMNEFTATFQ
TGKSIFNAMVAAFKNGDDDSFESYLQALEKVTAKGETLADQIAKAL
;
_entity_poly.pdbx_strand_id   A
#
# COMPACT_ATOMS: atom_id res chain seq x y z
N SER A 1 -18.60 -6.62 9.88
N SER A 1 -18.64 -6.37 9.77
CA SER A 1 -18.08 -5.67 10.88
CA SER A 1 -18.10 -5.52 10.85
C SER A 1 -16.92 -4.87 10.30
C SER A 1 -16.85 -4.80 10.36
N VAL A 2 -16.55 -3.78 10.99
N VAL A 2 -16.55 -3.67 10.99
CA VAL A 2 -15.42 -3.00 10.53
CA VAL A 2 -15.35 -2.95 10.56
C VAL A 2 -14.12 -3.79 10.68
C VAL A 2 -14.13 -3.85 10.65
N LYS A 3 -14.09 -4.75 11.61
N LYS A 3 -14.09 -4.76 11.64
CA LYS A 3 -12.91 -5.59 11.76
CA LYS A 3 -12.92 -5.62 11.80
C LYS A 3 -12.78 -6.57 10.61
C LYS A 3 -12.78 -6.60 10.64
N SER A 4 -13.91 -7.08 10.10
CA SER A 4 -13.87 -7.98 8.95
C SER A 4 -13.55 -7.22 7.66
N GLU A 5 -14.07 -6.01 7.54
N GLU A 5 -14.11 -6.04 7.51
CA GLU A 5 -13.72 -5.14 6.43
CA GLU A 5 -13.71 -5.16 6.43
C GLU A 5 -12.24 -4.74 6.47
C GLU A 5 -12.23 -4.80 6.46
N TYR A 6 -11.63 -4.72 7.66
CA TYR A 6 -10.18 -4.51 7.72
C TYR A 6 -9.38 -5.76 7.31
N ALA A 7 -9.80 -6.96 7.73
CA ALA A 7 -9.13 -8.17 7.25
C ALA A 7 -9.18 -8.27 5.73
N GLU A 8 -10.29 -7.82 5.13
N GLU A 8 -10.28 -7.80 5.14
CA GLU A 8 -10.41 -7.82 3.68
CA GLU A 8 -10.43 -7.79 3.68
C GLU A 8 -9.51 -6.76 3.06
C GLU A 8 -9.51 -6.74 3.05
N ALA A 9 -9.34 -5.63 3.73
CA ALA A 9 -8.42 -4.64 3.25
C ALA A 9 -6.98 -5.13 3.41
N ALA A 10 -6.70 -5.90 4.47
CA ALA A 10 -5.34 -6.34 4.66
C ALA A 10 -4.93 -7.36 3.60
N ALA A 11 -5.88 -8.20 3.17
CA ALA A 11 -5.55 -9.18 2.13
C ALA A 11 -5.27 -8.50 0.80
N VAL A 12 -6.06 -7.47 0.48
N VAL A 12 -6.06 -7.49 0.47
CA VAL A 12 -5.79 -6.67 -0.71
CA VAL A 12 -5.82 -6.67 -0.70
C VAL A 12 -4.42 -6.04 -0.63
C VAL A 12 -4.42 -6.05 -0.61
N GLY A 13 -4.00 -5.60 0.57
CA GLY A 13 -2.62 -5.14 0.72
C GLY A 13 -1.59 -6.21 0.46
N GLN A 14 -1.83 -7.41 0.98
CA GLN A 14 -0.93 -8.54 0.74
C GLN A 14 -0.87 -8.91 -0.73
N GLU A 15 -1.99 -8.76 -1.45
N GLU A 15 -1.98 -8.77 -1.45
CA GLU A 15 -1.94 -9.05 -2.89
CA GLU A 15 -1.93 -9.01 -2.88
C GLU A 15 -1.03 -8.08 -3.61
C GLU A 15 -0.89 -8.09 -3.51
N ALA A 16 -0.95 -6.84 -3.13
N ALA A 16 -0.91 -6.82 -3.13
CA ALA A 16 -0.03 -5.88 -3.74
CA ALA A 16 -0.01 -5.87 -3.75
C ALA A 16 1.41 -6.21 -3.39
C ALA A 16 1.43 -6.18 -3.38
N VAL A 17 1.67 -6.63 -2.15
CA VAL A 17 3.00 -7.10 -1.78
C VAL A 17 3.47 -8.22 -2.70
N ALA A 18 2.59 -9.20 -2.97
CA ALA A 18 2.97 -10.31 -3.85
C ALA A 18 3.21 -9.85 -5.28
N VAL A 19 2.33 -9.01 -5.81
N VAL A 19 2.32 -9.02 -5.81
CA VAL A 19 2.51 -8.55 -7.18
CA VAL A 19 2.52 -8.55 -7.17
C VAL A 19 3.72 -7.63 -7.28
C VAL A 19 3.78 -7.71 -7.26
N PHE A 20 4.02 -6.88 -6.20
N PHE A 20 4.02 -6.86 -6.26
CA PHE A 20 5.18 -6.01 -6.20
CA PHE A 20 5.19 -6.00 -6.28
C PHE A 20 6.48 -6.83 -6.28
C PHE A 20 6.47 -6.84 -6.34
N ASN A 21 6.63 -7.83 -5.42
N ASN A 21 6.53 -7.96 -5.61
CA ASN A 21 7.83 -8.65 -5.43
CA ASN A 21 7.77 -8.75 -5.59
C ASN A 21 8.02 -9.34 -6.78
C ASN A 21 8.01 -9.47 -6.92
N THR A 22 6.92 -9.77 -7.40
N THR A 22 6.96 -9.95 -7.59
CA THR A 22 7.01 -10.35 -8.74
CA THR A 22 7.17 -10.49 -8.93
C THR A 22 7.49 -9.30 -9.74
C THR A 22 7.44 -9.37 -9.93
N MET A 23 6.97 -8.08 -9.63
N MET A 23 6.99 -8.15 -9.66
CA MET A 23 7.37 -7.01 -10.54
CA MET A 23 7.39 -7.07 -10.55
C MET A 23 8.84 -6.68 -10.35
C MET A 23 8.87 -6.78 -10.37
N LYS A 24 9.34 -6.75 -9.12
CA LYS A 24 10.74 -6.44 -8.86
C LYS A 24 11.65 -7.45 -9.54
N ALA A 25 11.29 -8.72 -9.48
CA ALA A 25 11.99 -9.76 -10.22
C ALA A 25 11.99 -9.48 -11.70
N ALA A 26 10.86 -9.12 -12.26
CA ALA A 26 10.77 -8.90 -13.70
C ALA A 26 11.57 -7.66 -14.11
N PHE A 27 11.60 -6.63 -13.28
N PHE A 27 11.55 -6.61 -13.31
CA PHE A 27 12.40 -5.45 -13.59
CA PHE A 27 12.38 -5.44 -13.56
C PHE A 27 13.88 -5.79 -13.60
C PHE A 27 13.85 -5.87 -13.63
N GLN A 28 14.34 -6.57 -12.63
N GLN A 28 14.31 -6.58 -12.60
CA GLN A 28 15.74 -6.97 -12.60
CA GLN A 28 15.71 -6.96 -12.53
C GLN A 28 16.09 -7.82 -13.82
C GLN A 28 16.09 -7.79 -13.74
N ASN A 29 15.15 -8.61 -14.32
N ASN A 29 15.17 -8.64 -14.21
CA ASN A 29 15.40 -9.44 -15.49
CA ASN A 29 15.49 -9.48 -15.37
C ASN A 29 15.25 -8.70 -16.81
C ASN A 29 15.32 -8.77 -16.71
N GLY A 30 14.80 -7.45 -16.79
N GLY A 30 14.92 -7.49 -16.72
CA GLY A 30 14.60 -6.71 -18.02
CA GLY A 30 14.80 -6.71 -17.94
C GLY A 30 13.33 -7.03 -18.77
C GLY A 30 13.51 -6.91 -18.69
N ASP A 31 12.40 -7.75 -18.14
N ASP A 31 12.55 -7.63 -18.08
CA ASP A 31 11.12 -8.12 -18.79
CA ASP A 31 11.29 -8.02 -18.71
C ASP A 31 10.17 -6.94 -18.64
C ASP A 31 10.32 -6.85 -18.56
N LYS A 32 10.37 -5.94 -19.51
N LYS A 32 10.50 -5.86 -19.44
CA LYS A 32 9.61 -4.71 -19.42
CA LYS A 32 9.70 -4.65 -19.38
C LYS A 32 8.14 -4.91 -19.76
C LYS A 32 8.24 -4.94 -19.65
N GLU A 33 7.83 -5.87 -20.64
N GLU A 33 7.96 -5.87 -20.56
CA GLU A 33 6.44 -6.16 -20.92
CA GLU A 33 6.55 -6.12 -20.88
C GLU A 33 5.73 -6.73 -19.69
C GLU A 33 5.80 -6.63 -19.67
N ALA A 34 6.45 -7.46 -18.86
CA ALA A 34 5.87 -7.92 -17.60
C ALA A 34 5.76 -6.78 -16.61
N VAL A 35 6.83 -6.00 -16.46
N VAL A 35 6.85 -6.03 -16.44
CA VAL A 35 6.79 -4.89 -15.51
CA VAL A 35 6.78 -4.90 -15.49
C VAL A 35 5.63 -3.97 -15.81
C VAL A 35 5.57 -4.04 -15.81
N ALA A 36 5.40 -3.67 -17.08
CA ALA A 36 4.28 -2.79 -17.45
C ALA A 36 2.94 -3.34 -16.98
N GLN A 37 2.72 -4.64 -17.13
CA GLN A 37 1.44 -5.20 -16.72
C GLN A 37 1.32 -5.26 -15.22
N TYR A 38 2.43 -5.58 -14.54
CA TYR A 38 2.44 -5.58 -13.09
C TYR A 38 2.18 -4.19 -12.56
N LEU A 39 2.73 -3.15 -13.19
CA LEU A 39 2.45 -1.79 -12.71
C LEU A 39 0.97 -1.47 -12.79
N ALA A 40 0.33 -1.84 -13.90
CA ALA A 40 -1.11 -1.60 -14.05
C ALA A 40 -1.87 -2.36 -12.99
N ARG A 41 -1.50 -3.61 -12.73
N ARG A 41 -1.52 -3.61 -12.74
CA ARG A 41 -2.20 -4.39 -11.71
CA ARG A 41 -2.23 -4.36 -11.71
C ARG A 41 -2.04 -3.78 -10.32
C ARG A 41 -2.07 -3.72 -10.33
N LEU A 42 -0.83 -3.28 -10.01
CA LEU A 42 -0.61 -2.65 -8.71
C LEU A 42 -1.42 -1.38 -8.59
N ALA A 43 -1.61 -0.66 -9.70
CA ALA A 43 -2.34 0.59 -9.61
C ALA A 43 -3.78 0.31 -9.19
N SER A 44 -4.39 -0.73 -9.77
N SER A 44 -4.40 -0.74 -9.76
CA SER A 44 -5.76 -1.06 -9.40
CA SER A 44 -5.76 -1.06 -9.38
C SER A 44 -5.84 -1.59 -7.98
C SER A 44 -5.83 -1.52 -7.93
N LEU A 45 -4.81 -2.32 -7.53
N LEU A 45 -4.83 -2.29 -7.53
CA LEU A 45 -4.80 -2.85 -6.17
CA LEU A 45 -4.76 -2.83 -6.19
C LEU A 45 -4.66 -1.73 -5.15
C LEU A 45 -4.58 -1.73 -5.16
N TYR A 46 -3.81 -0.73 -5.43
N TYR A 46 -3.66 -0.79 -5.39
CA TYR A 46 -3.68 0.39 -4.50
CA TYR A 46 -3.55 0.34 -4.46
C TYR A 46 -4.93 1.25 -4.49
C TYR A 46 -4.81 1.19 -4.45
N THR A 47 -5.58 1.41 -5.64
N THR A 47 -5.46 1.38 -5.60
CA THR A 47 -6.82 2.17 -5.68
CA THR A 47 -6.70 2.14 -5.61
C THR A 47 -7.91 1.47 -4.88
C THR A 47 -7.74 1.48 -4.73
N ARG A 48 -8.02 0.15 -5.02
N ARG A 48 -7.83 0.14 -4.79
CA ARG A 48 -8.97 -0.61 -4.22
CA ARG A 48 -8.79 -0.58 -3.96
C ARG A 48 -8.65 -0.50 -2.73
C ARG A 48 -8.38 -0.55 -2.50
N HIS A 49 -7.37 -0.69 -2.38
N HIS A 49 -7.09 -0.71 -2.18
CA HIS A 49 -6.99 -0.65 -0.97
CA HIS A 49 -6.69 -0.70 -0.77
C HIS A 49 -7.26 0.72 -0.37
C HIS A 49 -7.06 0.65 -0.15
N GLU A 50 -6.96 1.79 -1.11
N GLU A 50 -6.73 1.74 -0.84
CA GLU A 50 -7.15 3.14 -0.60
CA GLU A 50 -7.10 3.06 -0.36
C GLU A 50 -8.62 3.43 -0.32
C GLU A 50 -8.61 3.17 -0.15
N GLU A 51 -9.50 2.88 -1.15
N GLU A 51 -9.41 2.60 -1.06
CA GLU A 51 -10.93 3.10 -0.96
CA GLU A 51 -10.86 2.72 -0.97
C GLU A 51 -11.46 2.30 0.22
C GLU A 51 -11.37 2.00 0.25
N LEU A 52 -10.95 1.09 0.41
N LEU A 52 -10.97 0.76 0.45
CA LEU A 52 -11.36 0.28 1.56
CA LEU A 52 -11.31 0.02 1.65
C LEU A 52 -10.89 0.91 2.86
C LEU A 52 -10.86 0.76 2.90
N LEU A 53 -9.68 1.47 2.87
N LEU A 53 -9.74 1.45 2.83
CA LEU A 53 -9.18 2.11 4.07
CA LEU A 53 -9.22 2.09 4.03
C LEU A 53 -9.98 3.36 4.41
C LEU A 53 -10.04 3.31 4.41
N ASN A 54 -10.47 4.09 3.40
CA ASN A 54 -11.26 5.28 3.69
C ASN A 54 -12.57 4.90 4.32
N ARG A 55 -13.19 3.82 3.83
N ARG A 55 -13.19 3.83 3.81
CA ARG A 55 -14.45 3.36 4.42
CA ARG A 55 -14.46 3.35 4.36
C ARG A 55 -14.26 2.92 5.86
C ARG A 55 -14.30 2.95 5.81
N ILE A 56 -13.15 2.24 6.15
N ILE A 56 -13.20 2.27 6.13
CA ILE A 56 -12.88 1.80 7.52
CA ILE A 56 -12.96 1.82 7.50
C ILE A 56 -12.68 2.99 8.43
C ILE A 56 -12.71 3.00 8.43
N LEU A 57 -11.93 4.01 7.97
CA LEU A 57 -11.71 5.19 8.78
C LEU A 57 -13.02 5.92 9.03
N GLU A 58 -13.81 6.13 7.99
N GLU A 58 -13.82 6.11 7.98
CA GLU A 58 -15.08 6.82 8.17
CA GLU A 58 -15.09 6.82 8.13
C GLU A 58 -15.99 6.05 9.12
C GLU A 58 -15.99 6.09 9.12
N LYS A 59 -15.96 4.72 9.04
N LYS A 59 -15.95 4.78 9.08
CA LYS A 59 -16.77 3.91 9.92
CA LYS A 59 -16.79 3.97 9.95
C LYS A 59 -16.27 4.00 11.36
C LYS A 59 -16.27 4.01 11.39
N ALA A 60 -14.95 3.93 11.56
CA ALA A 60 -14.39 4.14 12.89
C ALA A 60 -14.78 5.50 13.46
N ARG A 61 -14.89 6.54 12.60
CA ARG A 61 -15.25 7.87 13.06
C ARG A 61 -16.71 7.92 13.48
N ARG A 62 -17.59 7.32 12.67
N ARG A 62 -17.57 7.31 12.66
CA ARG A 62 -19.00 7.29 13.03
CA ARG A 62 -19.00 7.27 12.96
C ARG A 62 -19.24 6.50 14.31
C ARG A 62 -19.26 6.52 14.27
N GLU A 63 -18.41 5.48 14.56
N GLU A 63 -18.44 5.54 14.57
CA GLU A 63 -18.48 4.69 15.78
CA GLU A 63 -18.48 4.72 15.77
C GLU A 63 -17.85 5.38 16.98
C GLU A 63 -17.84 5.37 16.97
N GLY A 64 -17.26 6.55 16.79
CA GLY A 64 -16.58 7.22 17.89
C GLY A 64 -15.40 6.48 18.46
N ASN A 65 -14.79 5.59 17.68
CA ASN A 65 -13.72 4.73 18.16
C ASN A 65 -12.46 5.58 18.06
N LYS A 66 -12.23 6.39 19.08
N LYS A 66 -12.21 6.36 19.10
CA LYS A 66 -11.19 7.42 19.01
CA LYS A 66 -11.18 7.40 19.02
C LYS A 66 -9.83 6.81 18.71
C LYS A 66 -9.82 6.78 18.74
N GLU A 67 -9.46 5.74 19.42
N GLU A 67 -9.45 5.71 19.44
CA GLU A 67 -8.14 5.16 19.21
CA GLU A 67 -8.13 5.16 19.18
C GLU A 67 -8.00 4.59 17.81
C GLU A 67 -8.03 4.68 17.75
N ALA A 68 -9.06 4.01 17.27
CA ALA A 68 -8.97 3.50 15.91
C ALA A 68 -8.85 4.64 14.92
N VAL A 69 -9.56 5.74 15.15
CA VAL A 69 -9.43 6.90 14.27
C VAL A 69 -7.99 7.40 14.23
N THR A 70 -7.36 7.59 15.42
CA THR A 70 -5.97 8.06 15.51
C THR A 70 -5.03 7.20 14.69
N LEU A 71 -5.13 5.87 14.85
N LEU A 71 -5.15 5.87 14.84
CA LEU A 71 -4.21 4.97 14.15
CA LEU A 71 -4.24 4.95 14.14
C LEU A 71 -4.49 4.97 12.65
C LEU A 71 -4.51 4.93 12.65
N MET A 72 -5.76 5.02 12.25
N MET A 72 -5.77 4.96 12.26
CA MET A 72 -6.10 5.03 10.83
CA MET A 72 -6.11 5.00 10.85
C MET A 72 -5.67 6.33 10.17
C MET A 72 -5.67 6.33 10.21
N ASN A 73 -5.76 7.46 10.89
N ASN A 73 -5.83 7.47 10.92
CA ASN A 73 -5.27 8.71 10.33
CA ASN A 73 -5.33 8.74 10.36
C ASN A 73 -3.77 8.66 10.07
C ASN A 73 -3.83 8.68 10.10
N GLU A 74 -3.01 8.08 10.99
N GLU A 74 -3.05 8.11 11.03
CA GLU A 74 -1.58 7.94 10.79
CA GLU A 74 -1.64 7.92 10.78
C GLU A 74 -1.25 6.95 9.69
C GLU A 74 -1.39 6.93 9.65
N PHE A 75 -2.06 5.89 9.55
N PHE A 75 -2.13 5.81 9.61
CA PHE A 75 -1.76 4.85 8.57
CA PHE A 75 -1.86 4.78 8.61
C PHE A 75 -2.12 5.30 7.15
C PHE A 75 -2.15 5.30 7.21
N THR A 76 -3.24 6.00 6.99
N THR A 76 -3.20 6.12 7.07
CA THR A 76 -3.61 6.49 5.67
CA THR A 76 -3.59 6.59 5.74
C THR A 76 -2.67 7.58 5.19
C THR A 76 -2.61 7.65 5.22
N ALA A 77 -2.14 8.40 6.12
N ALA A 77 -2.12 8.52 6.10
CA ALA A 77 -1.12 9.36 5.75
CA ALA A 77 -1.01 9.40 5.75
C ALA A 77 0.13 8.66 5.24
C ALA A 77 0.17 8.62 5.24
N THR A 78 0.53 7.57 5.90
N THR A 78 0.54 7.57 5.96
CA THR A 78 1.64 6.78 5.39
CA THR A 78 1.66 6.74 5.51
C THR A 78 1.30 6.12 4.06
C THR A 78 1.36 6.07 4.17
N PHE A 79 0.04 5.72 3.87
N PHE A 79 0.11 5.61 3.97
CA PHE A 79 -0.36 5.15 2.59
CA PHE A 79 -0.30 5.04 2.70
C PHE A 79 -0.17 6.14 1.45
C PHE A 79 -0.06 6.01 1.56
N GLN A 80 -0.49 7.41 1.70
N GLN A 80 -0.44 7.27 1.76
CA GLN A 80 -0.30 8.42 0.65
CA GLN A 80 -0.30 8.29 0.70
C GLN A 80 1.17 8.63 0.34
C GLN A 80 1.15 8.48 0.33
N THR A 81 2.06 8.40 1.31
CA THR A 81 3.49 8.44 1.01
C THR A 81 3.84 7.30 0.08
N GLY A 82 3.34 6.11 0.41
CA GLY A 82 3.62 4.97 -0.47
C GLY A 82 3.08 5.22 -1.86
N LYS A 83 1.87 5.76 -1.95
N LYS A 83 1.87 5.76 -1.94
CA LYS A 83 1.24 5.98 -3.25
CA LYS A 83 1.23 5.99 -3.23
C LYS A 83 2.00 7.01 -4.07
C LYS A 83 2.01 7.00 -4.06
N SER A 84 2.48 8.08 -3.44
CA SER A 84 3.24 9.09 -4.15
C SER A 84 4.51 8.51 -4.70
N ILE A 85 5.17 7.67 -3.92
CA ILE A 85 6.35 6.97 -4.47
C ILE A 85 5.95 6.04 -5.60
N PHE A 86 4.86 5.30 -5.46
CA PHE A 86 4.48 4.39 -6.53
C PHE A 86 4.27 5.16 -7.82
N ASN A 87 3.50 6.25 -7.73
N ASN A 87 3.51 6.25 -7.73
CA ASN A 87 3.25 7.08 -8.90
CA ASN A 87 3.25 7.07 -8.91
C ASN A 87 4.55 7.59 -9.51
C ASN A 87 4.56 7.60 -9.51
N ALA A 88 5.57 7.85 -8.69
CA ALA A 88 6.85 8.30 -9.23
C ALA A 88 7.58 7.17 -9.94
N MET A 89 7.47 5.96 -9.41
CA MET A 89 8.03 4.80 -10.07
C MET A 89 7.40 4.63 -11.44
N VAL A 90 6.07 4.68 -11.50
CA VAL A 90 5.35 4.53 -12.76
C VAL A 90 5.84 5.55 -13.78
N ALA A 91 6.05 6.79 -13.37
CA ALA A 91 6.59 7.80 -14.26
C ALA A 91 8.02 7.47 -14.66
N ALA A 92 8.82 6.97 -13.71
CA ALA A 92 10.17 6.58 -14.03
C ALA A 92 10.19 5.46 -15.05
N PHE A 93 9.18 4.59 -15.02
CA PHE A 93 9.13 3.50 -15.99
C PHE A 93 8.74 4.03 -17.37
N LYS A 94 7.77 4.92 -17.42
N LYS A 94 7.78 4.94 -17.40
CA LYS A 94 7.40 5.53 -18.69
CA LYS A 94 7.37 5.55 -18.66
C LYS A 94 8.57 6.25 -19.33
C LYS A 94 8.54 6.26 -19.33
N ASN A 95 9.40 6.91 -18.52
CA ASN A 95 10.53 7.69 -19.05
C ASN A 95 11.78 6.87 -19.34
N GLY A 96 11.78 5.58 -19.05
CA GLY A 96 12.95 4.74 -19.18
C GLY A 96 14.09 5.09 -18.25
N ASP A 97 13.80 5.71 -17.11
CA ASP A 97 14.82 6.07 -16.14
C ASP A 97 14.95 4.92 -15.15
N ASP A 98 15.89 4.02 -15.37
CA ASP A 98 15.93 2.84 -14.53
C ASP A 98 16.60 3.16 -13.21
N ASP A 99 17.48 4.15 -13.18
N ASP A 99 17.50 4.14 -13.17
CA ASP A 99 18.11 4.54 -11.93
CA ASP A 99 18.16 4.46 -11.91
C ASP A 99 17.07 5.06 -10.93
C ASP A 99 17.14 4.95 -10.90
N SER A 100 16.12 5.86 -11.41
N SER A 100 16.20 5.80 -11.34
CA SER A 100 15.07 6.36 -10.53
CA SER A 100 15.14 6.30 -10.46
C SER A 100 14.04 5.29 -10.22
C SER A 100 14.10 5.22 -10.18
N PHE A 101 13.82 4.35 -11.13
CA PHE A 101 12.88 3.26 -10.85
C PHE A 101 13.44 2.42 -9.71
N GLU A 102 14.74 2.13 -9.73
N GLU A 102 14.73 2.10 -9.75
CA GLU A 102 15.36 1.43 -8.61
CA GLU A 102 15.38 1.36 -8.66
C GLU A 102 15.23 2.21 -7.31
C GLU A 102 15.23 2.08 -7.34
N SER A 103 15.47 3.51 -7.35
N SER A 103 15.52 3.38 -7.33
CA SER A 103 15.43 4.32 -6.14
CA SER A 103 15.38 4.19 -6.13
C SER A 103 14.04 4.35 -5.54
C SER A 103 13.96 4.10 -5.59
N TYR A 104 13.02 4.56 -6.38
N TYR A 104 12.99 4.46 -6.43
CA TYR A 104 11.65 4.57 -5.88
CA TYR A 104 11.59 4.45 -6.03
C TYR A 104 11.21 3.19 -5.40
C TYR A 104 11.15 3.07 -5.59
N LEU A 105 11.77 2.13 -5.98
N LEU A 105 11.67 2.03 -6.24
CA LEU A 105 11.39 0.78 -5.57
CA LEU A 105 11.37 0.65 -5.83
C LEU A 105 11.86 0.47 -4.17
C LEU A 105 11.79 0.42 -4.38
N GLN A 106 13.11 0.84 -3.85
N GLN A 106 13.03 0.76 -4.04
CA GLN A 106 13.63 0.59 -2.50
CA GLN A 106 13.54 0.52 -2.70
C GLN A 106 12.92 1.47 -1.46
C GLN A 106 12.84 1.40 -1.66
N ALA A 107 12.58 2.71 -1.84
N ALA A 107 12.50 2.63 -2.04
CA ALA A 107 11.88 3.58 -0.91
CA ALA A 107 11.76 3.51 -1.11
C ALA A 107 10.48 3.05 -0.61
C ALA A 107 10.42 2.90 -0.73
N LEU A 108 9.81 2.50 -1.61
N LEU A 108 9.69 2.42 -1.74
CA LEU A 108 8.48 1.93 -1.40
CA LEU A 108 8.36 1.85 -1.50
C LEU A 108 8.54 0.69 -0.52
C LEU A 108 8.44 0.60 -0.65
N GLU A 109 9.66 -0.05 -0.56
N GLU A 109 9.57 -0.13 -0.68
CA GLU A 109 9.81 -1.20 0.32
CA GLU A 109 9.69 -1.31 0.16
C GLU A 109 10.01 -0.77 1.77
C GLU A 109 9.90 -0.94 1.61
N LYS A 110 10.85 0.25 1.99
N LYS A 110 10.59 0.18 1.87
CA LYS A 110 11.11 0.70 3.35
CA LYS A 110 10.84 0.63 3.24
C LYS A 110 9.89 1.38 3.95
C LYS A 110 9.61 1.28 3.83
N VAL A 111 9.14 2.12 3.13
N VAL A 111 8.78 1.91 2.99
CA VAL A 111 7.91 2.75 3.61
CA VAL A 111 7.58 2.58 3.47
C VAL A 111 6.88 1.70 3.98
C VAL A 111 6.51 1.57 3.82
N THR A 112 6.79 0.62 3.19
N THR A 112 6.45 0.46 3.06
CA THR A 112 5.84 -0.45 3.48
CA THR A 112 5.51 -0.61 3.32
C THR A 112 6.24 -1.22 4.74
C THR A 112 5.94 -1.47 4.51
N ALA A 113 7.54 -1.51 4.88
N ALA A 113 7.24 -1.76 4.62
CA ALA A 113 7.99 -2.28 6.05
CA ALA A 113 7.70 -2.56 5.74
C ALA A 113 7.83 -1.47 7.33
C ALA A 113 7.62 -1.79 7.05
N LYS A 114 8.06 -0.15 7.26
N LYS A 114 7.88 -0.47 7.00
CA LYS A 114 7.96 0.68 8.45
CA LYS A 114 7.73 0.35 8.20
C LYS A 114 6.53 0.70 9.00
C LYS A 114 6.26 0.48 8.61
N GLY A 115 5.54 0.66 8.11
N GLY A 115 5.37 0.63 7.63
CA GLY A 115 4.16 0.81 8.52
CA GLY A 115 3.96 0.71 7.95
C GLY A 115 3.43 -0.48 8.80
C GLY A 115 3.41 -0.58 8.52
N GLU A 116 4.16 -1.54 9.16
N GLU A 116 4.18 -1.67 8.43
CA GLU A 116 3.54 -2.83 9.43
CA GLU A 116 3.69 -2.99 8.82
C GLU A 116 3.21 -3.05 10.89
C GLU A 116 3.22 -3.02 10.26
N THR A 117 3.96 -2.45 11.81
N THR A 117 4.02 -2.47 11.18
CA THR A 117 3.56 -2.50 13.22
CA THR A 117 3.70 -2.61 12.59
C THR A 117 2.25 -1.74 13.42
C THR A 117 2.43 -1.85 12.96
N LEU A 118 2.10 -0.59 12.76
N LEU A 118 2.26 -0.64 12.42
CA LEU A 118 0.84 0.15 12.85
CA LEU A 118 1.02 0.11 12.62
C LEU A 118 -0.30 -0.62 12.21
C LEU A 118 -0.18 -0.65 12.09
N ALA A 119 -0.02 -1.36 11.14
N ALA A 119 -0.08 -1.19 10.88
CA ALA A 119 -1.08 -2.13 10.49
CA ALA A 119 -1.18 -2.00 10.35
C ALA A 119 -1.63 -3.21 11.43
C ALA A 119 -1.54 -3.11 11.32
N ASP A 120 -0.76 -3.87 12.18
N ASP A 120 -0.54 -3.69 11.99
CA ASP A 120 -1.22 -4.85 13.16
CA ASP A 120 -0.81 -4.72 12.97
C ASP A 120 -1.96 -4.19 14.31
C ASP A 120 -1.46 -4.19 14.23
N GLN A 121 -1.52 -2.99 14.72
N GLN A 121 -1.33 -2.88 14.50
CA GLN A 121 -2.20 -2.28 15.79
CA GLN A 121 -2.00 -2.28 15.65
C GLN A 121 -3.64 -1.97 15.41
C GLN A 121 -3.47 -1.96 15.38
N ILE A 122 -3.86 -1.53 14.17
N ILE A 122 -3.79 -1.57 14.15
CA ILE A 122 -5.21 -1.19 13.73
CA ILE A 122 -5.15 -1.21 13.81
C ILE A 122 -6.10 -2.43 13.77
C ILE A 122 -6.04 -2.44 13.90
N ALA A 123 -5.55 -3.60 13.42
CA ALA A 123 -6.34 -4.81 13.47
C ALA A 123 -6.88 -5.04 14.87
N LYS A 124 -6.07 -4.73 15.90
N LYS A 124 -6.07 -4.71 15.88
CA LYS A 124 -6.50 -4.97 17.27
CA LYS A 124 -6.46 -4.95 17.27
C LYS A 124 -7.40 -3.88 17.80
C LYS A 124 -7.42 -3.88 17.78
N ALA A 125 -7.33 -2.67 17.24
CA ALA A 125 -8.03 -1.54 17.79
C ALA A 125 -9.47 -1.41 17.31
N LEU A 126 -9.81 -2.02 16.18
N LEU A 126 -9.82 -2.05 16.21
CA LEU A 126 -11.12 -1.83 15.58
CA LEU A 126 -11.13 -1.84 15.60
C LEU A 126 -12.20 -2.61 16.31
C LEU A 126 -12.24 -2.63 16.28
#